data_2IOR
#
_entry.id   2IOR
#
_cell.length_a   38.494
_cell.length_b   77.193
_cell.length_c   80.479
_cell.angle_alpha   90.00
_cell.angle_beta   90.00
_cell.angle_gamma   90.00
#
_symmetry.space_group_name_H-M   'P 21 21 21'
#
loop_
_entity.id
_entity.type
_entity.pdbx_description
1 polymer 'Chaperone protein htpG'
2 non-polymer 'MAGNESIUM ION'
3 non-polymer "ADENOSINE-5'-DIPHOSPHATE"
4 non-polymer HEXANE-1,6-DIOL
5 water water
#
_entity_poly.entity_id   1
_entity_poly.type   'polypeptide(L)'
_entity_poly.pdbx_seq_one_letter_code
;MGSSHHHHHHSSGLVPRGSHMKGQETRGFQSEVKQLLHLMIHSLYSNKEIFLRELISNASDAADKLRFRALSNPDLYEGD
GELRVRVSFDKDKRTLTISDNGVGMTRDEVIDHLGTIAKSGTKSFLESLGSDQAKDSQLIGQFGVGFYSAFIVADKVTVR
TRAAGEKPENGVFWESAGEGEYTVADITKEDRGTEITLHLREGEDEFLDDWRVRSIISKYSDHIALPVEIEKREE
;
_entity_poly.pdbx_strand_id   A
#
loop_
_chem_comp.id
_chem_comp.type
_chem_comp.name
_chem_comp.formula
ADP non-polymer ADENOSINE-5'-DIPHOSPHATE 'C10 H15 N5 O10 P2'
HEZ non-polymer HEXANE-1,6-DIOL 'C6 H14 O2'
MG non-polymer 'MAGNESIUM ION' 'Mg 2'
#
# COMPACT_ATOMS: atom_id res chain seq x y z
N HIS A 20 21.29 0.56 10.08
CA HIS A 20 21.15 -0.93 10.18
C HIS A 20 20.75 -1.55 8.83
N MET A 21 21.09 -0.86 7.75
CA MET A 21 20.72 -1.30 6.42
C MET A 21 21.96 -1.66 5.62
N LYS A 22 21.81 -2.64 4.75
CA LYS A 22 22.89 -3.12 3.91
C LYS A 22 22.46 -3.08 2.45
N GLY A 23 23.40 -2.91 1.54
CA GLY A 23 23.10 -2.98 0.12
C GLY A 23 22.15 -1.88 -0.35
N GLN A 24 22.30 -0.68 0.21
CA GLN A 24 21.39 0.42 -0.15
C GLN A 24 21.62 0.81 -1.60
N GLU A 25 20.54 0.89 -2.35
CA GLU A 25 20.56 1.20 -3.77
C GLU A 25 19.46 2.18 -4.14
N THR A 26 19.79 3.18 -4.95
CA THR A 26 18.78 4.10 -5.50
C THR A 26 18.46 3.62 -6.90
N ARG A 27 17.16 3.59 -7.22
CA ARG A 27 16.69 3.20 -8.53
C ARG A 27 15.66 4.23 -9.02
N GLY A 28 15.65 4.48 -10.31
CA GLY A 28 14.68 5.40 -10.90
C GLY A 28 13.36 4.70 -11.22
N PHE A 29 12.24 5.41 -11.03
CA PHE A 29 10.96 4.95 -11.56
C PHE A 29 11.03 4.93 -13.08
N GLN A 30 10.39 3.94 -13.72
CA GLN A 30 10.24 4.02 -15.18
C GLN A 30 9.50 5.29 -15.55
N SER A 31 9.79 5.84 -16.73
CA SER A 31 9.30 7.16 -17.13
C SER A 31 7.78 7.27 -17.07
N GLU A 32 7.09 6.25 -17.56
CA GLU A 32 5.63 6.29 -17.64
C GLU A 32 5.07 6.30 -16.22
N VAL A 33 5.66 5.45 -15.37
CA VAL A 33 5.28 5.38 -13.96
C VAL A 33 5.42 6.76 -13.32
N LYS A 34 6.54 7.42 -13.53
CA LYS A 34 6.77 8.73 -12.94
C LYS A 34 5.69 9.73 -13.34
N GLN A 35 5.30 9.71 -14.62
CA GLN A 35 4.32 10.67 -15.13
C GLN A 35 2.92 10.39 -14.56
N LEU A 36 2.57 9.12 -14.47
CA LEU A 36 1.25 8.69 -13.99
C LEU A 36 1.09 8.98 -12.51
N LEU A 37 2.16 8.75 -11.74
CA LEU A 37 2.17 9.05 -10.32
C LEU A 37 1.79 10.51 -10.15
N HIS A 38 2.45 11.38 -10.91
CA HIS A 38 2.22 12.82 -10.82
C HIS A 38 0.81 13.22 -11.22
N LEU A 39 0.25 12.58 -12.24
CA LEU A 39 -1.10 12.87 -12.72
C LEU A 39 -2.16 12.42 -11.72
N MET A 40 -1.91 11.26 -11.11
CA MET A 40 -2.83 10.62 -10.19
C MET A 40 -3.05 11.50 -8.94
N ILE A 41 -1.97 12.11 -8.44
CA ILE A 41 -2.05 12.92 -7.22
C ILE A 41 -3.07 14.04 -7.41
N HIS A 42 -3.19 14.55 -8.63
CA HIS A 42 -4.18 15.56 -8.97
C HIS A 42 -5.59 15.01 -9.31
N SER A 43 -5.64 14.06 -10.24
N SER A 43 -5.67 14.08 -10.26
CA SER A 43 -6.91 13.57 -10.79
CA SER A 43 -6.97 13.63 -10.77
C SER A 43 -7.78 12.79 -9.81
C SER A 43 -7.80 12.80 -9.80
N LEU A 44 -7.15 12.17 -8.82
CA LEU A 44 -7.87 11.36 -7.87
C LEU A 44 -8.04 12.07 -6.53
N TYR A 45 -7.67 13.35 -6.44
CA TYR A 45 -7.76 14.00 -5.14
C TYR A 45 -9.18 14.03 -4.57
N SER A 46 -10.19 14.19 -5.43
N SER A 46 -10.18 14.17 -5.45
CA SER A 46 -11.57 14.22 -4.96
CA SER A 46 -11.58 14.19 -5.05
C SER A 46 -12.02 12.85 -4.43
C SER A 46 -12.02 12.85 -4.45
N ASN A 47 -11.22 11.82 -4.70
CA ASN A 47 -11.46 10.49 -4.18
C ASN A 47 -10.24 9.98 -3.44
N LYS A 48 -9.56 10.88 -2.74
CA LYS A 48 -8.26 10.56 -2.13
C LYS A 48 -8.29 9.38 -1.14
N GLU A 49 -9.42 9.18 -0.46
N GLU A 49 -9.44 9.15 -0.49
CA GLU A 49 -9.55 8.10 0.50
CA GLU A 49 -9.58 8.07 0.50
C GLU A 49 -9.39 6.69 -0.13
C GLU A 49 -9.39 6.68 -0.12
N ILE A 50 -9.45 6.62 -1.45
CA ILE A 50 -9.28 5.36 -2.18
C ILE A 50 -7.98 4.63 -1.86
N PHE A 51 -6.95 5.36 -1.42
CA PHE A 51 -5.71 4.68 -1.08
C PHE A 51 -5.90 3.61 0.00
N LEU A 52 -6.87 3.82 0.90
CA LEU A 52 -7.13 2.83 1.93
C LEU A 52 -7.71 1.55 1.34
N ARG A 53 -8.61 1.68 0.36
CA ARG A 53 -9.07 0.51 -0.36
C ARG A 53 -7.92 -0.23 -1.00
N GLU A 54 -7.05 0.52 -1.67
CA GLU A 54 -5.95 -0.10 -2.40
C GLU A 54 -4.99 -0.84 -1.49
N LEU A 55 -4.58 -0.23 -0.38
CA LEU A 55 -3.60 -0.86 0.51
C LEU A 55 -4.19 -2.05 1.28
N ILE A 56 -5.44 -1.91 1.72
CA ILE A 56 -6.10 -3.01 2.43
C ILE A 56 -6.35 -4.19 1.47
N SER A 57 -6.77 -3.90 0.25
N SER A 57 -6.77 -3.91 0.24
N SER A 57 -6.76 -3.92 0.23
CA SER A 57 -6.94 -4.92 -0.80
CA SER A 57 -6.94 -4.93 -0.78
CA SER A 57 -6.96 -4.99 -0.74
C SER A 57 -5.63 -5.68 -0.99
C SER A 57 -5.64 -5.68 -1.02
C SER A 57 -5.63 -5.69 -1.05
N ASN A 58 -4.52 -4.95 -1.07
CA ASN A 58 -3.22 -5.57 -1.26
C ASN A 58 -2.84 -6.48 -0.10
N ALA A 59 -3.17 -6.07 1.12
CA ALA A 59 -2.94 -6.90 2.30
C ALA A 59 -3.76 -8.17 2.23
N SER A 60 -5.00 -8.05 1.77
CA SER A 60 -5.89 -9.20 1.64
C SER A 60 -5.36 -10.20 0.59
N ASP A 61 -4.85 -9.69 -0.52
CA ASP A 61 -4.24 -10.53 -1.55
C ASP A 61 -2.99 -11.21 -1.01
N ALA A 62 -2.23 -10.48 -0.20
CA ALA A 62 -0.98 -11.03 0.39
C ALA A 62 -1.30 -12.15 1.36
N ALA A 63 -2.43 -12.05 2.02
CA ALA A 63 -2.85 -13.11 2.94
C ALA A 63 -3.26 -14.33 2.12
N ASP A 64 -4.03 -14.12 1.06
CA ASP A 64 -4.43 -15.23 0.18
C ASP A 64 -3.22 -15.94 -0.38
N LYS A 65 -2.23 -15.17 -0.83
CA LYS A 65 -1.04 -15.73 -1.41
C LYS A 65 -0.31 -16.61 -0.39
N LEU A 66 -0.18 -16.11 0.84
CA LEU A 66 0.42 -16.91 1.92
C LEU A 66 -0.30 -18.24 2.09
N ARG A 67 -1.63 -18.18 2.11
CA ARG A 67 -2.44 -19.40 2.32
C ARG A 67 -2.25 -20.41 1.19
N PHE A 68 -2.17 -19.93 -0.05
CA PHE A 68 -1.94 -20.82 -1.18
C PHE A 68 -0.56 -21.45 -1.13
N ARG A 69 0.46 -20.66 -0.80
N ARG A 69 0.46 -20.66 -0.79
CA ARG A 69 1.81 -21.18 -0.66
CA ARG A 69 1.81 -21.18 -0.64
C ARG A 69 1.91 -22.18 0.48
C ARG A 69 1.92 -22.18 0.49
N ALA A 70 1.19 -21.91 1.57
CA ALA A 70 1.29 -22.72 2.78
C ALA A 70 0.65 -24.10 2.59
N LEU A 71 -0.16 -24.26 1.54
CA LEU A 71 -0.72 -25.59 1.25
C LEU A 71 0.36 -26.62 1.05
N SER A 72 1.45 -26.23 0.42
CA SER A 72 2.57 -27.12 0.16
C SER A 72 3.69 -27.01 1.22
N ASN A 73 3.53 -26.08 2.17
CA ASN A 73 4.50 -25.91 3.25
C ASN A 73 3.88 -25.20 4.45
N PRO A 74 3.29 -25.95 5.36
CA PRO A 74 2.67 -25.39 6.57
C PRO A 74 3.57 -24.50 7.41
N ASP A 75 4.88 -24.68 7.32
CA ASP A 75 5.78 -23.88 8.13
C ASP A 75 5.77 -22.41 7.71
N LEU A 76 5.25 -22.08 6.52
CA LEU A 76 5.17 -20.69 6.13
C LEU A 76 4.32 -19.84 7.09
N TYR A 77 3.44 -20.46 7.88
CA TYR A 77 2.68 -19.72 8.87
C TYR A 77 3.54 -19.27 10.05
N GLU A 78 4.68 -19.93 10.25
CA GLU A 78 5.65 -19.52 11.27
C GLU A 78 5.05 -19.41 12.69
N GLY A 79 4.04 -20.21 13.00
CA GLY A 79 3.35 -20.08 14.27
C GLY A 79 2.59 -18.77 14.50
N ASP A 80 2.42 -17.97 13.45
CA ASP A 80 1.69 -16.69 13.50
C ASP A 80 0.60 -16.86 12.46
N GLY A 81 -0.43 -17.61 12.82
CA GLY A 81 -1.45 -18.02 11.88
C GLY A 81 -2.66 -17.12 11.76
N GLU A 82 -2.88 -16.23 12.72
CA GLU A 82 -4.02 -15.32 12.67
C GLU A 82 -3.69 -14.16 11.76
N LEU A 83 -4.17 -14.23 10.53
CA LEU A 83 -3.83 -13.21 9.53
C LEU A 83 -4.74 -12.01 9.66
N ARG A 84 -4.14 -10.83 9.61
CA ARG A 84 -4.86 -9.57 9.75
C ARG A 84 -4.01 -8.40 9.28
N VAL A 85 -4.67 -7.28 9.09
CA VAL A 85 -3.98 -6.05 8.80
C VAL A 85 -4.23 -5.11 9.99
N ARG A 86 -3.18 -4.44 10.46
CA ARG A 86 -3.25 -3.55 11.60
C ARG A 86 -2.98 -2.12 11.13
N VAL A 87 -3.83 -1.20 11.55
CA VAL A 87 -3.70 0.21 11.19
C VAL A 87 -3.37 0.99 12.44
N SER A 88 -2.31 1.76 12.39
CA SER A 88 -1.86 2.57 13.51
C SER A 88 -1.53 4.00 13.09
N PHE A 89 -1.55 4.90 14.07
CA PHE A 89 -1.37 6.32 13.82
C PHE A 89 -0.30 6.88 14.75
N ASP A 90 0.46 7.84 14.25
CA ASP A 90 1.40 8.59 15.09
C ASP A 90 1.14 10.07 14.85
N LYS A 91 0.45 10.72 15.78
CA LYS A 91 0.05 12.11 15.63
C LYS A 91 1.22 13.07 15.61
N ASP A 92 2.26 12.74 16.38
CA ASP A 92 3.45 13.60 16.47
C ASP A 92 4.23 13.60 15.16
N LYS A 93 4.46 12.42 14.59
CA LYS A 93 5.21 12.27 13.35
C LYS A 93 4.32 12.48 12.11
N ARG A 94 3.02 12.50 12.32
CA ARG A 94 2.01 12.62 11.27
C ARG A 94 2.12 11.47 10.29
N THR A 95 2.16 10.27 10.84
CA THR A 95 2.19 9.06 10.00
C THR A 95 1.00 8.15 10.23
N LEU A 96 0.66 7.42 9.18
CA LEU A 96 -0.33 6.36 9.20
C LEU A 96 0.41 5.10 8.77
N THR A 97 0.24 4.00 9.52
CA THR A 97 0.92 2.75 9.20
C THR A 97 -0.10 1.63 8.96
N ILE A 98 0.07 0.91 7.87
CA ILE A 98 -0.78 -0.21 7.49
C ILE A 98 0.14 -1.43 7.42
N SER A 99 -0.05 -2.38 8.33
N SER A 99 -0.05 -2.37 8.34
CA SER A 99 0.87 -3.51 8.46
CA SER A 99 0.84 -3.52 8.50
C SER A 99 0.15 -4.85 8.46
C SER A 99 0.09 -4.82 8.40
N ASP A 100 0.57 -5.74 7.58
CA ASP A 100 -0.05 -7.04 7.46
C ASP A 100 0.97 -8.13 7.75
N ASN A 101 0.46 -9.31 8.11
CA ASN A 101 1.30 -10.47 8.28
C ASN A 101 1.04 -11.51 7.19
N GLY A 102 0.83 -11.01 5.97
CA GLY A 102 0.66 -11.86 4.80
C GLY A 102 1.99 -12.36 4.27
N VAL A 103 2.06 -12.61 2.97
CA VAL A 103 3.18 -13.34 2.38
C VAL A 103 4.49 -12.55 2.38
N GLY A 104 4.41 -11.23 2.38
CA GLY A 104 5.62 -10.42 2.29
C GLY A 104 6.30 -10.48 0.91
N MET A 105 7.43 -9.80 0.79
CA MET A 105 8.16 -9.72 -0.46
C MET A 105 9.67 -9.86 -0.26
N THR A 106 10.32 -10.54 -1.19
CA THR A 106 11.77 -10.55 -1.29
C THR A 106 12.24 -9.28 -1.97
N ARG A 107 13.55 -9.06 -2.02
CA ARG A 107 14.05 -7.84 -2.63
C ARG A 107 13.74 -7.78 -4.11
N ASP A 108 13.86 -8.91 -4.81
CA ASP A 108 13.54 -8.92 -6.22
C ASP A 108 12.04 -8.69 -6.47
N GLU A 109 11.19 -9.21 -5.57
CA GLU A 109 9.76 -8.98 -5.66
C GLU A 109 9.45 -7.51 -5.43
N VAL A 110 10.14 -6.87 -4.48
CA VAL A 110 9.93 -5.46 -4.24
C VAL A 110 10.28 -4.64 -5.50
N ILE A 111 11.40 -4.96 -6.10
CA ILE A 111 11.85 -4.23 -7.27
C ILE A 111 10.89 -4.47 -8.46
N ASP A 112 10.46 -5.71 -8.63
CA ASP A 112 9.61 -6.08 -9.77
C ASP A 112 8.19 -5.57 -9.60
N HIS A 113 7.72 -5.39 -8.35
CA HIS A 113 6.32 -5.05 -8.07
C HIS A 113 6.07 -3.60 -7.62
N LEU A 114 6.99 -3.03 -6.84
CA LEU A 114 6.91 -1.62 -6.40
C LEU A 114 7.82 -0.70 -7.19
N GLY A 115 8.83 -1.25 -7.84
CA GLY A 115 9.73 -0.48 -8.67
C GLY A 115 9.02 -0.08 -9.94
N THR A 116 8.75 -1.06 -10.80
CA THR A 116 8.04 -0.84 -12.05
C THR A 116 6.60 -0.42 -11.77
N ILE A 117 5.73 -1.40 -11.54
CA ILE A 117 4.34 -1.16 -11.16
C ILE A 117 3.55 -0.28 -12.15
N ALA A 118 3.84 -0.44 -13.44
CA ALA A 118 3.16 0.30 -14.50
C ALA A 118 1.86 -0.42 -14.86
N LYS A 119 0.84 -0.29 -13.99
CA LYS A 119 -0.37 -1.10 -14.09
C LYS A 119 -1.08 -0.83 -15.42
N SER A 120 -1.40 -1.92 -16.13
CA SER A 120 -2.08 -1.84 -17.43
C SER A 120 -3.40 -1.11 -17.29
N GLY A 121 -3.63 -0.16 -18.19
CA GLY A 121 -4.87 0.60 -18.20
C GLY A 121 -4.84 1.86 -17.38
N THR A 122 -3.82 2.03 -16.54
CA THR A 122 -3.75 3.18 -15.66
C THR A 122 -3.77 4.53 -16.38
N LYS A 123 -3.02 4.64 -17.47
CA LYS A 123 -2.94 5.88 -18.22
C LYS A 123 -4.32 6.27 -18.73
N SER A 124 -5.00 5.34 -19.39
CA SER A 124 -6.31 5.62 -19.94
C SER A 124 -7.34 5.89 -18.85
N PHE A 125 -7.21 5.19 -17.72
CA PHE A 125 -8.10 5.40 -16.60
C PHE A 125 -8.02 6.84 -16.09
N LEU A 126 -6.81 7.29 -15.79
CA LEU A 126 -6.62 8.63 -15.26
C LEU A 126 -7.06 9.70 -16.22
N GLU A 127 -6.80 9.51 -17.51
CA GLU A 127 -7.23 10.46 -18.54
C GLU A 127 -8.77 10.51 -18.68
N SER A 128 -9.45 9.47 -18.23
CA SER A 128 -10.92 9.41 -18.29
C SER A 128 -11.60 10.09 -17.11
N LEU A 129 -10.82 10.43 -16.07
CA LEU A 129 -11.34 11.18 -14.95
C LEU A 129 -11.54 12.66 -15.36
N GLY A 130 -12.48 13.33 -14.70
CA GLY A 130 -12.76 14.73 -14.99
C GLY A 130 -13.62 15.43 -13.95
N SER A 131 -14.40 16.42 -14.38
CA SER A 131 -15.18 17.26 -13.45
C SER A 131 -16.50 16.62 -13.01
N ASP A 132 -17.00 15.69 -13.81
CA ASP A 132 -18.22 14.96 -13.48
C ASP A 132 -17.91 13.94 -12.40
N GLN A 133 -18.28 14.27 -11.16
CA GLN A 133 -17.99 13.42 -10.01
C GLN A 133 -18.69 12.07 -10.10
N ALA A 134 -19.88 12.04 -10.67
CA ALA A 134 -20.61 10.79 -10.85
C ALA A 134 -19.85 9.84 -11.79
N LYS A 135 -19.35 10.33 -12.92
CA LYS A 135 -18.57 9.49 -13.82
C LYS A 135 -17.27 9.02 -13.12
N ASP A 136 -16.64 9.91 -12.36
CA ASP A 136 -15.41 9.58 -11.62
C ASP A 136 -15.64 8.48 -10.61
N SER A 137 -16.75 8.59 -9.86
CA SER A 137 -17.07 7.58 -8.88
C SER A 137 -17.33 6.22 -9.53
N GLN A 138 -17.99 6.23 -10.68
CA GLN A 138 -18.24 5.00 -11.40
C GLN A 138 -16.92 4.36 -11.85
N LEU A 139 -16.02 5.18 -12.37
CA LEU A 139 -14.71 4.70 -12.84
C LEU A 139 -13.90 4.07 -11.71
N ILE A 140 -13.79 4.80 -10.61
CA ILE A 140 -12.98 4.35 -9.48
C ILE A 140 -13.54 3.08 -8.88
N GLY A 141 -14.86 2.95 -8.91
CA GLY A 141 -15.51 1.74 -8.48
C GLY A 141 -15.18 0.50 -9.31
N GLN A 142 -14.65 0.70 -10.51
N GLN A 142 -14.64 0.68 -10.51
CA GLN A 142 -14.35 -0.40 -11.44
CA GLN A 142 -14.34 -0.45 -11.39
C GLN A 142 -12.85 -0.63 -11.70
C GLN A 142 -12.85 -0.65 -11.68
N PHE A 143 -11.99 0.22 -11.14
CA PHE A 143 -10.57 0.13 -11.43
C PHE A 143 -9.73 0.39 -10.19
N GLY A 144 -8.79 -0.52 -9.94
CA GLY A 144 -7.86 -0.42 -8.84
C GLY A 144 -6.63 0.33 -9.27
N VAL A 145 -6.36 1.45 -8.64
CA VAL A 145 -5.22 2.28 -9.00
C VAL A 145 -3.92 1.66 -8.40
N GLY A 146 -4.05 0.91 -7.32
CA GLY A 146 -2.91 0.24 -6.74
C GLY A 146 -2.12 1.04 -5.72
N PHE A 147 -0.96 0.48 -5.39
CA PHE A 147 -0.06 0.98 -4.33
C PHE A 147 0.27 2.48 -4.40
N TYR A 148 0.48 3.00 -5.59
N TYR A 148 0.52 2.97 -5.62
CA TYR A 148 0.93 4.38 -5.71
CA TYR A 148 0.90 4.37 -5.84
C TYR A 148 -0.14 5.38 -5.36
C TYR A 148 -0.15 5.38 -5.40
N SER A 149 -1.38 4.92 -5.15
CA SER A 149 -2.43 5.78 -4.61
C SER A 149 -2.02 6.41 -3.27
N ALA A 150 -1.13 5.74 -2.54
CA ALA A 150 -0.65 6.29 -1.28
C ALA A 150 -0.09 7.71 -1.42
N PHE A 151 0.53 8.03 -2.55
CA PHE A 151 1.12 9.34 -2.75
C PHE A 151 0.09 10.46 -2.98
N ILE A 152 -1.18 10.12 -3.16
CA ILE A 152 -2.22 11.15 -3.17
C ILE A 152 -2.20 11.92 -1.85
N VAL A 153 -2.02 11.20 -0.74
CA VAL A 153 -2.11 11.78 0.60
C VAL A 153 -0.77 11.86 1.36
N ALA A 154 0.25 11.18 0.85
CA ALA A 154 1.54 11.08 1.54
C ALA A 154 2.69 11.61 0.69
N ASP A 155 3.61 12.35 1.32
CA ASP A 155 4.78 12.83 0.64
C ASP A 155 6.02 11.92 0.84
N LYS A 156 5.85 10.88 1.64
CA LYS A 156 6.87 9.84 1.77
C LYS A 156 6.18 8.55 2.13
N VAL A 157 6.60 7.46 1.49
CA VAL A 157 6.07 6.15 1.78
C VAL A 157 7.26 5.22 2.01
N THR A 158 7.21 4.49 3.12
CA THR A 158 8.26 3.59 3.54
C THR A 158 7.68 2.22 3.73
N VAL A 159 8.31 1.22 3.13
CA VAL A 159 7.86 -0.16 3.23
C VAL A 159 8.96 -1.01 3.87
N ARG A 160 8.56 -1.80 4.86
CA ARG A 160 9.43 -2.80 5.47
C ARG A 160 8.71 -4.11 5.30
N THR A 161 9.37 -5.07 4.67
CA THR A 161 8.73 -6.33 4.34
C THR A 161 9.68 -7.51 4.50
N ARG A 162 9.12 -8.67 4.85
CA ARG A 162 9.92 -9.89 4.91
C ARG A 162 9.02 -11.03 4.47
N ALA A 163 9.49 -11.78 3.49
CA ALA A 163 8.71 -12.83 2.86
C ALA A 163 8.64 -14.12 3.71
N ALA A 164 7.52 -14.81 3.59
CA ALA A 164 7.28 -16.05 4.33
C ALA A 164 8.38 -17.06 4.01
N GLY A 165 8.89 -17.70 5.06
CA GLY A 165 9.93 -18.72 4.91
C GLY A 165 11.34 -18.18 4.77
N GLU A 166 11.49 -16.87 4.57
CA GLU A 166 12.82 -16.28 4.38
C GLU A 166 13.41 -15.99 5.75
N LYS A 167 14.73 -16.06 5.84
CA LYS A 167 15.44 -15.67 7.06
C LYS A 167 15.19 -14.20 7.38
N PRO A 168 15.07 -13.85 8.67
CA PRO A 168 14.80 -12.46 9.06
C PRO A 168 15.79 -11.45 8.51
N GLU A 169 17.04 -11.85 8.29
CA GLU A 169 18.05 -10.96 7.74
C GLU A 169 17.78 -10.56 6.30
N ASN A 170 16.85 -11.26 5.63
CA ASN A 170 16.55 -10.99 4.24
C ASN A 170 15.27 -10.17 4.06
N GLY A 171 14.94 -9.37 5.07
CA GLY A 171 13.91 -8.35 4.91
C GLY A 171 14.34 -7.26 3.94
N VAL A 172 13.37 -6.47 3.50
CA VAL A 172 13.60 -5.44 2.51
C VAL A 172 13.03 -4.10 3.01
N PHE A 173 13.79 -3.04 2.79
CA PHE A 173 13.38 -1.65 3.02
C PHE A 173 13.19 -1.00 1.66
N TRP A 174 12.11 -0.23 1.50
CA TRP A 174 11.83 0.54 0.30
C TRP A 174 11.29 1.88 0.75
N GLU A 175 11.79 2.97 0.15
CA GLU A 175 11.32 4.30 0.50
C GLU A 175 11.35 5.21 -0.69
N SER A 176 10.35 6.08 -0.79
CA SER A 176 10.28 7.04 -1.87
C SER A 176 9.48 8.27 -1.50
N ALA A 177 9.86 9.40 -2.08
CA ALA A 177 9.08 10.64 -2.03
C ALA A 177 8.07 10.70 -3.15
N GLY A 178 8.07 9.71 -4.02
CA GLY A 178 7.11 9.62 -5.10
C GLY A 178 7.41 10.63 -6.19
N GLU A 179 8.68 11.02 -6.30
N GLU A 179 8.70 10.91 -6.44
CA GLU A 179 9.13 11.95 -7.34
CA GLU A 179 9.08 11.94 -7.41
C GLU A 179 9.63 11.10 -8.49
C GLU A 179 10.26 11.56 -8.32
N GLY A 180 10.94 10.93 -8.61
N GLY A 180 10.35 10.29 -8.68
CA GLY A 180 11.49 10.13 -9.69
CA GLY A 180 11.29 9.91 -9.72
C GLY A 180 12.28 8.89 -9.33
C GLY A 180 12.21 8.79 -9.33
N GLU A 181 12.42 8.60 -8.03
CA GLU A 181 13.28 7.53 -7.57
C GLU A 181 12.80 6.93 -6.27
N TYR A 182 13.32 5.74 -6.00
CA TYR A 182 13.14 5.10 -4.71
C TYR A 182 14.45 4.51 -4.25
N THR A 183 14.51 4.18 -2.98
CA THR A 183 15.67 3.54 -2.39
C THR A 183 15.26 2.20 -1.84
N VAL A 184 16.10 1.20 -2.06
CA VAL A 184 15.87 -0.13 -1.53
C VAL A 184 17.10 -0.58 -0.75
N ALA A 185 16.90 -1.38 0.27
CA ALA A 185 18.01 -1.93 1.06
C ALA A 185 17.59 -3.20 1.76
N ASP A 186 18.57 -3.92 2.28
CA ASP A 186 18.29 -5.11 3.08
C ASP A 186 18.19 -4.72 4.54
N ILE A 187 17.25 -5.33 5.26
CA ILE A 187 17.05 -5.09 6.69
C ILE A 187 16.67 -6.38 7.36
N THR A 188 16.89 -6.44 8.67
CA THR A 188 16.42 -7.55 9.48
C THR A 188 15.01 -7.25 9.96
N LYS A 189 14.05 -8.10 9.59
CA LYS A 189 12.68 -7.93 10.06
C LYS A 189 12.19 -9.28 10.54
N GLU A 190 11.98 -9.38 11.85
CA GLU A 190 11.67 -10.66 12.45
C GLU A 190 10.28 -11.18 12.09
N ASP A 191 9.33 -10.28 11.99
CA ASP A 191 7.95 -10.67 11.68
C ASP A 191 7.69 -10.70 10.18
N ARG A 192 6.96 -11.71 9.76
CA ARG A 192 6.59 -11.89 8.35
C ARG A 192 5.54 -10.87 7.98
N GLY A 193 5.65 -10.34 6.77
CA GLY A 193 4.62 -9.49 6.20
C GLY A 193 5.15 -8.16 5.74
N THR A 194 4.25 -7.22 5.54
CA THR A 194 4.58 -5.92 4.94
C THR A 194 4.02 -4.78 5.78
N GLU A 195 4.89 -3.85 6.16
CA GLU A 195 4.52 -2.67 6.95
C GLU A 195 4.74 -1.44 6.10
N ILE A 196 3.66 -0.70 5.84
CA ILE A 196 3.71 0.49 4.97
C ILE A 196 3.42 1.73 5.84
N THR A 197 4.39 2.66 5.89
CA THR A 197 4.26 3.87 6.67
C THR A 197 4.14 5.05 5.73
N LEU A 198 3.07 5.82 5.88
CA LEU A 198 2.79 6.98 5.07
C LEU A 198 3.04 8.23 5.89
N HIS A 199 3.93 9.10 5.45
CA HIS A 199 4.05 10.41 6.07
C HIS A 199 3.08 11.33 5.37
N LEU A 200 2.10 11.83 6.10
CA LEU A 200 1.00 12.56 5.46
C LEU A 200 1.40 13.95 5.01
N ARG A 201 0.91 14.33 3.84
CA ARG A 201 1.04 15.69 3.33
C ARG A 201 0.35 16.68 4.28
N GLU A 202 0.81 17.92 4.26
CA GLU A 202 0.09 18.98 4.96
C GLU A 202 -1.36 18.98 4.53
N GLY A 203 -2.27 19.11 5.50
CA GLY A 203 -3.68 19.22 5.21
C GLY A 203 -4.41 17.89 5.23
N GLU A 204 -3.68 16.79 5.40
CA GLU A 204 -4.28 15.45 5.38
C GLU A 204 -4.47 14.80 6.75
N ASP A 205 -4.66 15.60 7.79
CA ASP A 205 -4.89 15.07 9.14
C ASP A 205 -6.14 14.23 9.32
N GLU A 206 -7.05 14.24 8.34
CA GLU A 206 -8.18 13.32 8.29
C GLU A 206 -7.71 11.87 8.59
N PHE A 207 -6.55 11.52 8.07
CA PHE A 207 -6.08 10.14 8.13
C PHE A 207 -5.31 9.79 9.39
N LEU A 208 -5.31 10.71 10.36
CA LEU A 208 -4.85 10.46 11.73
C LEU A 208 -6.02 10.29 12.68
N ASP A 209 -7.24 10.41 12.16
CA ASP A 209 -8.47 10.26 12.95
C ASP A 209 -8.94 8.81 12.87
N ASP A 210 -8.82 8.09 13.97
CA ASP A 210 -9.09 6.66 13.98
C ASP A 210 -10.53 6.35 13.61
N TRP A 211 -11.49 7.19 14.01
CA TRP A 211 -12.88 6.97 13.61
C TRP A 211 -13.07 7.12 12.11
N ARG A 212 -12.52 8.17 11.52
N ARG A 212 -12.49 8.17 11.55
CA ARG A 212 -12.73 8.41 10.10
CA ARG A 212 -12.64 8.46 10.13
C ARG A 212 -12.09 7.29 9.29
C ARG A 212 -12.07 7.32 9.31
N VAL A 213 -10.87 6.89 9.67
CA VAL A 213 -10.19 5.81 8.98
C VAL A 213 -10.94 4.47 9.12
N ARG A 214 -11.43 4.18 10.32
N ARG A 214 -11.44 4.19 10.31
CA ARG A 214 -12.21 2.97 10.57
CA ARG A 214 -12.23 2.98 10.56
C ARG A 214 -13.46 2.97 9.70
C ARG A 214 -13.49 2.99 9.72
N SER A 215 -14.10 4.12 9.60
N SER A 215 -14.11 4.16 9.59
N SER A 215 -14.16 4.13 9.58
CA SER A 215 -15.34 4.26 8.84
CA SER A 215 -15.36 4.29 8.83
CA SER A 215 -15.37 4.28 8.81
C SER A 215 -15.10 4.02 7.35
C SER A 215 -15.12 4.05 7.34
C SER A 215 -15.14 4.07 7.32
N ILE A 216 -14.04 4.63 6.81
CA ILE A 216 -13.72 4.48 5.39
C ILE A 216 -13.43 3.02 5.09
N ILE A 217 -12.63 2.40 5.94
CA ILE A 217 -12.21 1.03 5.70
C ILE A 217 -13.40 0.08 5.77
N SER A 218 -14.32 0.33 6.70
N SER A 218 -14.33 0.33 6.69
CA SER A 218 -15.49 -0.55 6.87
CA SER A 218 -15.48 -0.56 6.87
C SER A 218 -16.37 -0.58 5.63
C SER A 218 -16.37 -0.57 5.64
N LYS A 219 -16.48 0.56 4.95
CA LYS A 219 -17.23 0.63 3.71
C LYS A 219 -16.56 -0.23 2.63
N TYR A 220 -15.23 -0.15 2.54
CA TYR A 220 -14.46 -0.98 1.61
C TYR A 220 -14.41 -2.45 2.05
N SER A 221 -14.51 -2.70 3.35
CA SER A 221 -14.35 -4.04 3.92
C SER A 221 -15.55 -4.94 3.65
N ASP A 222 -16.60 -4.37 3.06
CA ASP A 222 -17.73 -5.16 2.55
C ASP A 222 -17.31 -6.11 1.43
N HIS A 223 -16.29 -5.70 0.65
CA HIS A 223 -15.78 -6.49 -0.48
C HIS A 223 -14.38 -7.10 -0.22
N ILE A 224 -13.76 -6.77 0.91
CA ILE A 224 -12.39 -7.24 1.21
C ILE A 224 -12.43 -8.22 2.37
N ALA A 225 -11.76 -9.36 2.18
CA ALA A 225 -11.84 -10.49 3.09
C ALA A 225 -10.52 -10.66 3.84
N LEU A 226 -10.33 -9.79 4.82
CA LEU A 226 -9.24 -9.89 5.79
C LEU A 226 -9.61 -9.02 6.98
N PRO A 227 -9.49 -9.52 8.22
CA PRO A 227 -9.79 -8.68 9.38
C PRO A 227 -8.86 -7.48 9.48
N VAL A 228 -9.43 -6.32 9.79
CA VAL A 228 -8.70 -5.06 9.95
C VAL A 228 -8.81 -4.66 11.41
N GLU A 229 -7.66 -4.47 12.05
CA GLU A 229 -7.59 -4.02 13.43
C GLU A 229 -7.10 -2.59 13.46
N ILE A 230 -7.92 -1.68 14.00
CA ILE A 230 -7.54 -0.27 14.09
C ILE A 230 -6.99 -0.05 15.49
N GLU A 231 -5.73 0.36 15.59
CA GLU A 231 -5.10 0.60 16.88
C GLU A 231 -5.44 2.02 17.30
MG MG B . -3.61 -3.82 -5.52
PB ADP C . -2.08 -5.14 -8.02
O1B ADP C . -2.65 -5.36 -6.63
O2B ADP C . -1.17 -6.29 -8.42
O3B ADP C . -3.22 -4.96 -9.05
PA ADP C . -0.70 -2.92 -6.80
O1A ADP C . -1.81 -2.72 -5.87
O2A ADP C . -0.05 -1.63 -7.28
O3A ADP C . -1.23 -3.73 -8.10
O5' ADP C . 0.37 -3.91 -6.18
C5' ADP C . 1.45 -4.32 -6.99
C4' ADP C . 2.08 -5.59 -6.44
O4' ADP C . 2.85 -5.31 -5.30
C3' ADP C . 1.09 -6.65 -6.03
O3' ADP C . 0.59 -7.40 -7.09
C2' ADP C . 1.92 -7.47 -5.06
O2' ADP C . 2.74 -8.38 -5.75
C1' ADP C . 2.80 -6.42 -4.41
N9 ADP C . 2.27 -5.95 -3.13
C8 ADP C . 1.63 -4.75 -2.87
N7 ADP C . 1.31 -4.72 -1.57
C5 ADP C . 1.72 -5.88 -0.98
C6 ADP C . 1.64 -6.39 0.32
N6 ADP C . 0.96 -5.79 1.32
N1 ADP C . 2.17 -7.66 0.52
C2 ADP C . 2.75 -8.37 -0.49
N3 ADP C . 2.83 -7.88 -1.78
C4 ADP C . 2.32 -6.65 -1.98
O1 HEZ D . 12.90 10.07 -15.08
C1 HEZ D . 12.65 9.61 -16.41
C2 HEZ D . 13.68 8.57 -16.86
C3 HEZ D . 13.76 7.36 -15.93
C4 HEZ D . 14.77 6.32 -16.41
C5 HEZ D . 15.10 5.27 -15.35
C6 HEZ D . 14.13 4.09 -15.33
O6 HEZ D . 13.85 3.66 -16.67
O1 HEZ E . -8.51 -2.02 -4.71
C1 HEZ E . -9.10 -3.23 -5.17
C2 HEZ E . -10.46 -2.95 -5.80
C3 HEZ E . -10.30 -2.56 -7.27
C4 HEZ E . -11.66 -2.37 -7.94
C5 HEZ E . -12.23 -3.70 -8.41
C6 HEZ E . -13.72 -3.57 -8.71
O6 HEZ E . -14.29 -4.87 -8.81
#